data_7VMD
#
_entry.id   7VMD
#
_cell.length_a   43.733
_cell.length_b   64.540
_cell.length_c   81.409
_cell.angle_alpha   90.000
_cell.angle_beta   90.000
_cell.angle_gamma   90.000
#
_symmetry.space_group_name_H-M   'P 21 21 21'
#
loop_
_entity.id
_entity.type
_entity.pdbx_description
1 polymer 'hydrolase Ple628'
2 non-polymer 'CALCIUM ION'
3 water water
#
_entity_poly.entity_id   1
_entity_poly.type   'polypeptide(L)'
_entity_poly.pdbx_seq_one_letter_code
;MELGTLEGSEFAGGGGDGGDGGCTSDCGFQRGPDPTVSFLEASSGPYSVRTDNVSSLVGGFGGGTVHYPTGTTGTMAAVV
VIPGFVSAESSIEWWGPKLASYGFVVMTIDTNSGFDQPPSRATQINNALDYLLEENDSSSSPYSGMIDPNRLGVIGWSMG
GGGTLRVAAEGRIQAAIPLAPWDTSSLRFRNIETPTLIFACESDVIAPVGSHADPFYEAIPDSTDKAFFELNNGSHYCGN
GGNSYNNELGRLGVSWMKLHLDQDQRYNQFLCGPDHEDEYRISEYRGTCPYLE
;
_entity_poly.pdbx_strand_id   A
#
loop_
_chem_comp.id
_chem_comp.type
_chem_comp.name
_chem_comp.formula
CA non-polymer 'CALCIUM ION' 'Ca 2'
#
# COMPACT_ATOMS: atom_id res chain seq x y z
N GLY A 28 11.36 8.97 16.78
CA GLY A 28 10.71 9.74 15.73
C GLY A 28 9.24 9.38 15.61
N PHE A 29 8.89 8.69 14.52
CA PHE A 29 7.51 8.32 14.24
C PHE A 29 7.18 6.90 14.68
N GLN A 30 8.07 6.24 15.40
CA GLN A 30 7.87 4.85 15.77
C GLN A 30 6.64 4.71 16.64
N ARG A 31 5.91 3.63 16.42
CA ARG A 31 4.75 3.34 17.21
C ARG A 31 4.68 1.83 17.39
N GLY A 32 4.22 1.40 18.57
CA GLY A 32 4.00 -0.01 18.80
C GLY A 32 5.24 -0.72 19.30
N PRO A 33 5.09 -1.99 19.64
CA PRO A 33 6.19 -2.75 20.21
C PRO A 33 7.24 -3.09 19.16
N ASP A 34 8.36 -3.58 19.64
CA ASP A 34 9.34 -4.15 18.75
C ASP A 34 8.66 -5.26 17.95
N PRO A 35 8.66 -5.17 16.63
CA PRO A 35 7.86 -6.12 15.84
C PRO A 35 8.48 -7.49 15.81
N THR A 36 7.63 -8.46 15.60
CA THR A 36 8.02 -9.83 15.33
C THR A 36 7.22 -10.29 14.13
N VAL A 37 7.63 -11.42 13.56
CA VAL A 37 6.88 -12.00 12.46
C VAL A 37 5.46 -12.31 12.91
N SER A 38 5.30 -12.91 14.09
CA SER A 38 3.96 -13.26 14.54
C SER A 38 3.13 -12.01 14.76
N PHE A 39 3.77 -10.96 15.26
CA PHE A 39 3.09 -9.68 15.42
C PHE A 39 2.55 -9.19 14.07
N LEU A 40 3.34 -9.33 13.02
CA LEU A 40 3.00 -8.86 11.68
C LEU A 40 2.02 -9.77 10.97
N GLU A 41 2.07 -11.07 11.28
CA GLU A 41 1.26 -12.06 10.60
C GLU A 41 0.00 -12.38 11.38
N ALA A 42 -0.10 -11.90 12.60
CA ALA A 42 -1.38 -11.93 13.32
C ALA A 42 -2.46 -11.35 12.44
N SER A 43 -3.68 -11.85 12.61
CA SER A 43 -4.77 -11.46 11.73
C SER A 43 -5.03 -9.97 11.80
N SER A 44 -4.71 -9.34 12.92
CA SER A 44 -4.74 -7.89 13.01
C SER A 44 -3.59 -7.42 13.87
N GLY A 45 -3.28 -6.14 13.74
CA GLY A 45 -2.30 -5.51 14.58
C GLY A 45 -2.88 -5.23 15.95
N PRO A 46 -2.11 -4.51 16.76
CA PRO A 46 -2.52 -4.34 18.15
C PRO A 46 -3.70 -3.41 18.31
N TYR A 47 -3.84 -2.41 17.45
CA TYR A 47 -4.83 -1.38 17.73
C TYR A 47 -6.21 -1.80 17.27
N SER A 48 -7.18 -1.54 18.12
CA SER A 48 -8.55 -1.55 17.65
C SER A 48 -8.69 -0.53 16.55
N VAL A 49 -9.49 -0.86 15.55
CA VAL A 49 -9.65 -0.02 14.38
C VAL A 49 -11.09 0.45 14.36
N ARG A 50 -11.26 1.75 14.27
CA ARG A 50 -12.56 2.32 14.00
C ARG A 50 -12.61 2.69 12.53
N THR A 51 -13.81 2.82 12.02
CA THR A 51 -13.97 3.09 10.61
C THR A 51 -14.85 4.31 10.45
N ASP A 52 -14.61 5.01 9.36
CA ASP A 52 -15.46 6.09 8.95
C ASP A 52 -15.83 5.84 7.49
N ASN A 53 -17.11 5.70 7.22
CA ASN A 53 -17.52 5.46 5.85
C ASN A 53 -17.50 6.77 5.11
N VAL A 54 -16.94 6.76 3.90
CA VAL A 54 -16.93 7.94 3.07
C VAL A 54 -17.86 7.66 1.91
N SER A 55 -18.90 8.46 1.79
CA SER A 55 -19.79 8.35 0.66
C SER A 55 -19.05 8.70 -0.61
N SER A 56 -19.45 8.10 -1.73
CA SER A 56 -18.88 8.51 -3.01
C SER A 56 -19.24 9.95 -3.35
N LEU A 57 -20.25 10.51 -2.70
CA LEU A 57 -20.62 11.89 -3.01
C LEU A 57 -19.64 12.90 -2.44
N VAL A 58 -18.71 12.49 -1.60
CA VAL A 58 -17.68 13.38 -1.09
C VAL A 58 -16.32 12.80 -1.46
N GLY A 59 -15.36 13.69 -1.68
CA GLY A 59 -13.98 13.32 -1.86
C GLY A 59 -13.58 13.07 -3.31
N GLY A 60 -14.52 12.69 -4.16
CA GLY A 60 -14.19 12.51 -5.57
C GLY A 60 -13.32 11.32 -5.86
N PHE A 61 -13.38 10.27 -5.02
CA PHE A 61 -12.56 9.09 -5.27
C PHE A 61 -13.39 7.81 -5.23
N GLY A 62 -14.73 7.93 -5.26
CA GLY A 62 -15.59 6.77 -5.33
C GLY A 62 -16.03 6.26 -3.98
N GLY A 63 -15.78 7.01 -2.93
CA GLY A 63 -16.13 6.58 -1.60
C GLY A 63 -15.18 5.53 -1.07
N GLY A 64 -15.33 5.25 0.20
CA GLY A 64 -14.53 4.19 0.79
C GLY A 64 -14.68 4.22 2.27
N THR A 65 -13.66 3.72 2.94
CA THR A 65 -13.73 3.54 4.38
C THR A 65 -12.41 3.99 4.94
N VAL A 66 -12.45 4.95 5.83
CA VAL A 66 -11.26 5.30 6.57
C VAL A 66 -11.16 4.38 7.77
N HIS A 67 -10.01 3.73 7.90
CA HIS A 67 -9.71 2.92 9.07
C HIS A 67 -8.70 3.66 9.89
N TYR A 68 -8.97 3.78 11.18
CA TYR A 68 -7.99 4.49 11.98
C TYR A 68 -7.94 3.81 13.33
N PRO A 69 -6.75 3.73 13.91
CA PRO A 69 -6.60 3.03 15.18
C PRO A 69 -7.11 3.88 16.32
N THR A 70 -7.58 3.22 17.37
CA THR A 70 -7.90 3.91 18.60
C THR A 70 -6.79 3.66 19.61
N GLY A 71 -6.82 4.42 20.70
CA GLY A 71 -5.84 4.28 21.75
C GLY A 71 -4.52 4.92 21.46
N THR A 72 -4.29 5.38 20.24
CA THR A 72 -3.03 5.99 19.90
C THR A 72 -3.02 7.46 20.25
N THR A 73 -1.80 7.99 20.34
CA THR A 73 -1.58 9.43 20.46
C THR A 73 -0.61 9.84 19.36
N GLY A 74 -0.58 11.13 19.11
CA GLY A 74 0.31 11.66 18.12
C GLY A 74 -0.25 11.45 16.73
N THR A 75 0.58 11.74 15.75
CA THR A 75 0.14 11.66 14.37
C THR A 75 0.73 10.42 13.74
N MET A 76 0.11 9.96 12.68
CA MET A 76 0.59 8.75 12.06
C MET A 76 0.48 8.94 10.57
N ALA A 77 1.10 8.02 9.85
CA ALA A 77 1.01 8.04 8.41
C ALA A 77 -0.39 7.68 7.95
N ALA A 78 -0.75 8.19 6.78
CA ALA A 78 -2.01 7.86 6.18
C ALA A 78 -1.74 7.09 4.91
N VAL A 79 -2.57 6.08 4.66
CA VAL A 79 -2.40 5.24 3.51
C VAL A 79 -3.73 5.17 2.80
N VAL A 80 -3.70 5.40 1.50
CA VAL A 80 -4.85 5.15 0.66
C VAL A 80 -4.66 3.77 0.05
N VAL A 81 -5.70 2.95 0.12
CA VAL A 81 -5.69 1.64 -0.51
C VAL A 81 -6.74 1.69 -1.58
N ILE A 82 -6.32 1.52 -2.83
CA ILE A 82 -7.18 1.74 -3.97
C ILE A 82 -7.26 0.46 -4.80
N PRO A 83 -8.45 0.02 -5.17
CA PRO A 83 -8.55 -1.09 -6.12
C PRO A 83 -8.29 -0.59 -7.54
N GLY A 84 -8.58 -1.38 -8.54
CA GLY A 84 -8.29 -0.90 -9.87
C GLY A 84 -8.54 -1.96 -10.89
N PHE A 85 -9.50 -2.82 -10.59
CA PHE A 85 -9.90 -3.90 -11.48
C PHE A 85 -11.42 -3.81 -11.58
N VAL A 86 -11.93 -3.31 -12.71
CA VAL A 86 -13.34 -2.92 -12.78
C VAL A 86 -14.25 -4.12 -12.54
N SER A 87 -13.88 -5.28 -13.08
CA SER A 87 -14.65 -6.49 -12.84
C SER A 87 -14.22 -7.23 -11.57
N ALA A 88 -13.79 -6.48 -10.56
CA ALA A 88 -13.29 -7.09 -9.32
C ALA A 88 -14.36 -7.96 -8.67
N GLU A 89 -13.99 -9.19 -8.38
CA GLU A 89 -14.84 -10.05 -7.58
C GLU A 89 -14.71 -9.75 -6.10
N SER A 90 -13.69 -9.00 -5.72
CA SER A 90 -13.43 -8.61 -4.36
C SER A 90 -12.38 -7.53 -4.47
N SER A 91 -12.07 -6.90 -3.34
CA SER A 91 -11.27 -5.70 -3.40
C SER A 91 -10.13 -5.79 -2.39
N ILE A 92 -9.63 -4.62 -2.00
CA ILE A 92 -8.42 -4.51 -1.21
C ILE A 92 -8.73 -4.18 0.24
N GLU A 93 -10.00 -4.35 0.67
CA GLU A 93 -10.41 -3.85 1.98
C GLU A 93 -9.63 -4.49 3.12
N TRP A 94 -9.12 -5.71 2.93
CA TRP A 94 -8.35 -6.34 3.99
C TRP A 94 -7.28 -5.41 4.51
N TRP A 95 -6.67 -4.65 3.61
CA TRP A 95 -5.58 -3.74 3.97
C TRP A 95 -6.03 -2.68 4.95
N GLY A 96 -7.30 -2.34 4.97
CA GLY A 96 -7.77 -1.28 5.82
C GLY A 96 -7.56 -1.60 7.28
N PRO A 97 -8.32 -2.58 7.77
CA PRO A 97 -8.13 -2.97 9.18
C PRO A 97 -6.75 -3.51 9.46
N LYS A 98 -6.17 -4.25 8.50
CA LYS A 98 -4.87 -4.84 8.76
C LYS A 98 -3.84 -3.76 8.99
N LEU A 99 -3.72 -2.83 8.04
CA LEU A 99 -2.70 -1.82 8.18
C LEU A 99 -3.04 -0.82 9.28
N ALA A 100 -4.31 -0.38 9.34
CA ALA A 100 -4.64 0.61 10.36
C ALA A 100 -4.36 0.09 11.76
N SER A 101 -4.54 -1.21 11.98
CA SER A 101 -4.32 -1.77 13.31
C SER A 101 -2.86 -1.73 13.73
N TYR A 102 -1.94 -1.35 12.84
CA TYR A 102 -0.55 -1.18 13.25
C TYR A 102 -0.17 0.27 13.41
N GLY A 103 -1.13 1.19 13.31
CA GLY A 103 -0.85 2.60 13.58
C GLY A 103 -0.73 3.39 12.31
N PHE A 104 -1.79 3.32 11.51
CA PHE A 104 -1.89 4.10 10.28
C PHE A 104 -3.34 4.46 10.12
N VAL A 105 -3.57 5.61 9.52
CA VAL A 105 -4.91 5.91 9.04
C VAL A 105 -4.97 5.41 7.62
N VAL A 106 -5.86 4.47 7.37
CA VAL A 106 -5.85 3.73 6.13
C VAL A 106 -7.24 3.83 5.53
N MET A 107 -7.32 4.44 4.37
CA MET A 107 -8.61 4.54 3.71
C MET A 107 -8.62 3.59 2.54
N THR A 108 -9.56 2.67 2.55
CA THR A 108 -9.77 1.79 1.43
C THR A 108 -10.80 2.45 0.53
N ILE A 109 -10.49 2.50 -0.73
CA ILE A 109 -11.39 3.09 -1.70
C ILE A 109 -12.31 2.01 -2.21
N ASP A 110 -13.58 2.37 -2.38
CA ASP A 110 -14.55 1.43 -2.88
C ASP A 110 -14.32 1.15 -4.35
N THR A 111 -14.81 -0.01 -4.78
CA THR A 111 -14.82 -0.38 -6.19
C THR A 111 -16.00 0.32 -6.88
N ASN A 112 -16.11 0.10 -8.19
CA ASN A 112 -17.23 0.59 -9.00
C ASN A 112 -17.42 2.09 -8.82
N SER A 113 -16.31 2.82 -8.96
CA SER A 113 -16.25 4.24 -8.65
C SER A 113 -16.39 5.13 -9.86
N GLY A 114 -16.46 4.56 -11.06
CA GLY A 114 -16.33 5.32 -12.28
C GLY A 114 -14.91 5.55 -12.71
N PHE A 115 -13.94 5.40 -11.80
CA PHE A 115 -12.54 5.39 -12.19
C PHE A 115 -12.17 4.05 -12.78
N ASP A 116 -11.12 4.06 -13.58
CA ASP A 116 -10.79 2.88 -14.35
C ASP A 116 -9.29 2.80 -14.62
N GLN A 117 -8.86 3.45 -15.69
CA GLN A 117 -7.51 3.29 -16.18
C GLN A 117 -6.52 3.97 -15.25
N PRO A 118 -5.25 3.54 -15.29
CA PRO A 118 -4.27 4.00 -14.30
C PRO A 118 -4.19 5.51 -14.17
N PRO A 119 -4.25 6.28 -15.28
CA PRO A 119 -4.23 7.74 -15.09
C PRO A 119 -5.38 8.21 -14.23
N SER A 120 -6.58 7.66 -14.44
CA SER A 120 -7.70 8.03 -13.59
C SER A 120 -7.47 7.55 -12.17
N ARG A 121 -6.78 6.42 -12.01
CA ARG A 121 -6.50 5.91 -10.67
C ARG A 121 -5.54 6.80 -9.93
N ALA A 122 -4.56 7.37 -10.64
CA ALA A 122 -3.70 8.36 -10.01
C ALA A 122 -4.52 9.56 -9.55
N THR A 123 -5.43 10.02 -10.40
CA THR A 123 -6.33 11.09 -9.98
C THR A 123 -7.15 10.66 -8.77
N GLN A 124 -7.69 9.44 -8.83
CA GLN A 124 -8.45 8.92 -7.70
C GLN A 124 -7.62 8.89 -6.44
N ILE A 125 -6.38 8.40 -6.53
CA ILE A 125 -5.51 8.38 -5.37
C ILE A 125 -5.31 9.79 -4.85
N ASN A 126 -5.01 10.72 -5.75
CA ASN A 126 -4.76 12.08 -5.31
C ASN A 126 -5.99 12.67 -4.66
N ASN A 127 -7.17 12.38 -5.21
CA ASN A 127 -8.40 12.87 -4.60
C ASN A 127 -8.58 12.24 -3.24
N ALA A 128 -8.27 10.95 -3.13
CA ALA A 128 -8.39 10.26 -1.86
C ALA A 128 -7.42 10.82 -0.84
N LEU A 129 -6.18 11.08 -1.26
CA LEU A 129 -5.22 11.68 -0.36
C LEU A 129 -5.68 13.06 0.07
N ASP A 130 -6.12 13.88 -0.89
CA ASP A 130 -6.71 15.18 -0.55
C ASP A 130 -7.79 15.01 0.49
N TYR A 131 -8.68 14.05 0.27
CA TYR A 131 -9.80 13.89 1.18
C TYR A 131 -9.31 13.59 2.58
N LEU A 132 -8.36 12.66 2.73
CA LEU A 132 -7.86 12.34 4.04
C LEU A 132 -7.22 13.56 4.69
N LEU A 133 -6.42 14.29 3.93
CA LEU A 133 -5.75 15.46 4.47
C LEU A 133 -6.78 16.51 4.83
N GLU A 134 -7.81 16.64 4.02
CA GLU A 134 -8.88 17.60 4.30
C GLU A 134 -9.59 17.22 5.59
N GLU A 135 -9.94 15.94 5.72
CA GLU A 135 -10.58 15.49 6.94
C GLU A 135 -9.64 15.57 8.12
N ASN A 136 -8.37 15.22 7.90
CA ASN A 136 -7.37 15.37 8.93
C ASN A 136 -7.32 16.81 9.42
N ASP A 137 -7.43 17.76 8.50
CA ASP A 137 -7.38 19.17 8.84
C ASP A 137 -8.66 19.68 9.44
N SER A 138 -9.71 18.87 9.43
CA SER A 138 -10.97 19.25 10.04
C SER A 138 -10.87 19.08 11.56
N SER A 139 -11.52 19.97 12.30
CA SER A 139 -11.53 19.79 13.74
C SER A 139 -12.50 18.71 14.18
N SER A 140 -13.39 18.29 13.29
CA SER A 140 -14.52 17.48 13.66
C SER A 140 -14.44 16.07 13.10
N SER A 141 -13.50 15.80 12.21
CA SER A 141 -13.33 14.44 11.74
C SER A 141 -13.05 13.52 12.92
N PRO A 142 -13.57 12.30 12.91
CA PRO A 142 -13.22 11.37 13.99
C PRO A 142 -11.72 11.09 14.05
N TYR A 143 -10.99 11.30 12.96
CA TYR A 143 -9.54 11.16 12.96
C TYR A 143 -8.87 12.51 12.70
N SER A 144 -9.54 13.60 13.09
CA SER A 144 -8.94 14.92 13.02
C SER A 144 -7.55 14.92 13.64
N GLY A 145 -6.60 15.50 12.93
CA GLY A 145 -5.27 15.64 13.48
C GLY A 145 -4.52 14.35 13.62
N MET A 146 -5.06 13.24 13.14
CA MET A 146 -4.42 11.96 13.37
C MET A 146 -3.32 11.71 12.35
N ILE A 147 -3.40 12.39 11.21
CA ILE A 147 -2.54 12.11 10.07
C ILE A 147 -1.40 13.11 10.06
N ASP A 148 -0.20 12.60 9.92
CA ASP A 148 0.93 13.43 9.58
C ASP A 148 0.91 13.61 8.07
N PRO A 149 0.58 14.81 7.57
CA PRO A 149 0.48 14.97 6.10
C PRO A 149 1.76 14.68 5.37
N ASN A 150 2.90 14.69 6.07
CA ASN A 150 4.18 14.41 5.44
C ASN A 150 4.40 12.94 5.17
N ARG A 151 3.51 12.07 5.62
CA ARG A 151 3.77 10.63 5.63
C ARG A 151 2.56 9.96 5.04
N LEU A 152 2.56 9.85 3.73
CA LEU A 152 1.44 9.33 2.97
C LEU A 152 1.89 8.09 2.20
N GLY A 153 1.10 7.04 2.30
CA GLY A 153 1.39 5.84 1.55
C GLY A 153 0.21 5.53 0.66
N VAL A 154 0.47 4.80 -0.40
CA VAL A 154 -0.60 4.35 -1.29
C VAL A 154 -0.35 2.89 -1.57
N ILE A 155 -1.38 2.09 -1.36
CA ILE A 155 -1.42 0.70 -1.78
C ILE A 155 -2.44 0.64 -2.89
N GLY A 156 -2.08 0.05 -4.01
CA GLY A 156 -3.00 0.13 -5.12
C GLY A 156 -2.95 -1.14 -5.93
N TRP A 157 -4.13 -1.63 -6.26
CA TRP A 157 -4.24 -2.90 -6.94
C TRP A 157 -4.57 -2.71 -8.40
N SER A 158 -3.87 -3.45 -9.25
CA SER A 158 -4.23 -3.58 -10.65
C SER A 158 -4.00 -2.24 -11.31
N MET A 159 -5.04 -1.67 -11.92
CA MET A 159 -4.85 -0.35 -12.51
C MET A 159 -4.66 0.70 -11.44
N GLY A 160 -5.16 0.43 -10.24
CA GLY A 160 -4.83 1.25 -9.10
C GLY A 160 -3.37 1.11 -8.71
N GLY A 161 -2.78 -0.05 -9.02
CA GLY A 161 -1.34 -0.20 -8.84
C GLY A 161 -0.57 0.61 -9.85
N GLY A 162 -1.03 0.63 -11.10
CA GLY A 162 -0.50 1.59 -12.05
C GLY A 162 -0.67 3.01 -11.56
N GLY A 163 -1.87 3.33 -11.08
CA GLY A 163 -2.10 4.64 -10.48
C GLY A 163 -1.16 4.91 -9.32
N THR A 164 -0.91 3.90 -8.49
CA THR A 164 0.00 4.07 -7.36
C THR A 164 1.40 4.39 -7.85
N LEU A 165 1.86 3.66 -8.86
CA LEU A 165 3.16 3.93 -9.42
C LEU A 165 3.21 5.33 -10.02
N ARG A 166 2.11 5.74 -10.64
CA ARG A 166 2.05 7.09 -11.20
C ARG A 166 2.11 8.14 -10.12
N VAL A 167 1.39 7.93 -9.03
CA VAL A 167 1.45 8.88 -7.92
C VAL A 167 2.82 8.83 -7.27
N ALA A 168 3.39 7.63 -7.15
CA ALA A 168 4.77 7.52 -6.68
C ALA A 168 5.69 8.35 -7.54
N ALA A 169 5.48 8.31 -8.85
CA ALA A 169 6.30 9.10 -9.77
C ALA A 169 6.02 10.59 -9.64
N GLU A 170 4.81 10.97 -9.23
CA GLU A 170 4.46 12.38 -9.08
C GLU A 170 5.18 13.02 -7.90
N GLY A 171 5.76 12.22 -7.01
CA GLY A 171 6.52 12.74 -5.90
C GLY A 171 5.70 13.05 -4.67
N ARG A 172 4.40 12.81 -4.68
CA ARG A 172 3.57 13.23 -3.56
C ARG A 172 3.71 12.33 -2.35
N ILE A 173 3.96 11.04 -2.55
CA ILE A 173 3.80 10.10 -1.46
C ILE A 173 5.14 9.58 -1.01
N GLN A 174 5.11 8.94 0.15
CA GLN A 174 6.33 8.53 0.82
C GLN A 174 6.50 7.02 0.83
N ALA A 175 5.50 6.27 0.40
CA ALA A 175 5.63 4.83 0.25
C ALA A 175 4.56 4.39 -0.73
N ALA A 176 4.90 3.42 -1.55
CA ALA A 176 3.96 2.93 -2.54
C ALA A 176 3.99 1.43 -2.52
N ILE A 177 2.82 0.82 -2.51
CA ILE A 177 2.72 -0.62 -2.62
C ILE A 177 1.74 -0.95 -3.74
N PRO A 178 2.22 -1.01 -4.97
CA PRO A 178 1.39 -1.50 -6.06
C PRO A 178 1.16 -2.98 -5.86
N LEU A 179 -0.09 -3.39 -6.02
CA LEU A 179 -0.51 -4.78 -5.89
C LEU A 179 -0.88 -5.24 -7.29
N ALA A 180 -0.17 -6.22 -7.79
CA ALA A 180 -0.46 -6.73 -9.13
C ALA A 180 -0.71 -5.56 -10.07
N PRO A 181 0.21 -4.62 -10.14
CA PRO A 181 -0.06 -3.39 -10.89
C PRO A 181 -0.26 -3.69 -12.37
N TRP A 182 -1.15 -2.93 -12.96
CA TRP A 182 -1.37 -2.93 -14.39
C TRP A 182 -1.15 -1.51 -14.88
N ASP A 183 -0.34 -1.36 -15.91
CA ASP A 183 -0.24 -0.07 -16.57
C ASP A 183 0.22 -0.33 -18.00
N THR A 184 0.23 0.73 -18.78
CA THR A 184 0.49 0.59 -20.20
C THR A 184 1.96 0.79 -20.55
N SER A 185 2.72 1.37 -19.65
CA SER A 185 4.11 1.69 -19.94
C SER A 185 4.83 1.72 -18.61
N SER A 186 6.08 1.28 -18.60
CA SER A 186 6.90 1.46 -17.42
C SER A 186 7.68 2.77 -17.45
N LEU A 187 7.71 3.45 -18.60
CA LEU A 187 8.58 4.62 -18.76
C LEU A 187 8.28 5.70 -17.74
N ARG A 188 7.01 5.92 -17.43
CA ARG A 188 6.62 6.90 -16.43
C ARG A 188 7.19 6.57 -15.06
N PHE A 189 7.63 5.34 -14.84
CA PHE A 189 8.09 4.89 -13.53
C PHE A 189 9.60 4.96 -13.40
N ARG A 190 10.28 5.43 -14.45
CA ARG A 190 11.73 5.36 -14.52
C ARG A 190 12.42 6.28 -13.53
N ASN A 191 11.70 7.21 -12.92
CA ASN A 191 12.35 8.05 -11.92
C ASN A 191 11.64 7.99 -10.58
N ILE A 192 10.91 6.90 -10.31
CA ILE A 192 10.26 6.81 -9.01
C ILE A 192 11.32 6.81 -7.93
N GLU A 193 11.17 7.73 -6.99
CA GLU A 193 12.05 7.80 -5.83
C GLU A 193 11.31 7.40 -4.57
N THR A 194 10.01 7.26 -4.66
CA THR A 194 9.17 6.81 -3.56
C THR A 194 9.52 5.37 -3.23
N PRO A 195 9.77 5.04 -1.96
CA PRO A 195 9.94 3.63 -1.59
C PRO A 195 8.77 2.79 -2.07
N THR A 196 9.05 1.84 -2.95
CA THR A 196 8.00 1.14 -3.67
C THR A 196 8.20 -0.35 -3.50
N LEU A 197 7.22 -0.98 -2.90
CA LEU A 197 7.17 -2.43 -2.80
C LEU A 197 6.09 -2.87 -3.78
N ILE A 198 6.48 -3.58 -4.82
CA ILE A 198 5.52 -4.15 -5.74
C ILE A 198 5.26 -5.58 -5.32
N PHE A 199 4.01 -5.88 -5.01
CA PHE A 199 3.58 -7.26 -4.89
C PHE A 199 3.17 -7.71 -6.28
N ALA A 200 3.95 -8.62 -6.82
CA ALA A 200 3.63 -9.23 -8.09
C ALA A 200 2.93 -10.54 -7.77
N CYS A 201 2.04 -10.94 -8.65
CA CYS A 201 1.28 -12.16 -8.47
C CYS A 201 1.70 -13.12 -9.57
N GLU A 202 2.40 -14.18 -9.19
CA GLU A 202 3.17 -14.95 -10.17
C GLU A 202 2.31 -15.39 -11.35
N SER A 203 1.11 -15.88 -11.07
CA SER A 203 0.27 -16.50 -12.08
C SER A 203 -0.70 -15.51 -12.66
N ASP A 204 -0.55 -14.24 -12.32
CA ASP A 204 -1.41 -13.18 -12.84
C ASP A 204 -1.52 -13.27 -14.35
N VAL A 205 -2.75 -13.44 -14.82
CA VAL A 205 -3.03 -13.32 -16.24
C VAL A 205 -3.70 -12.01 -16.59
N ILE A 206 -4.06 -11.20 -15.60
CA ILE A 206 -4.69 -9.91 -15.89
C ILE A 206 -3.64 -8.85 -16.12
N ALA A 207 -2.65 -8.82 -15.25
CA ALA A 207 -1.50 -7.95 -15.34
C ALA A 207 -0.30 -8.85 -15.25
N PRO A 208 -0.04 -9.63 -16.30
CA PRO A 208 1.05 -10.61 -16.24
C PRO A 208 2.31 -9.95 -15.75
N VAL A 209 3.00 -10.63 -14.84
CA VAL A 209 4.12 -10.02 -14.15
C VAL A 209 5.16 -9.56 -15.15
N GLY A 210 5.45 -10.40 -16.15
CA GLY A 210 6.48 -10.09 -17.10
C GLY A 210 6.22 -8.83 -17.92
N SER A 211 4.96 -8.44 -18.06
CA SER A 211 4.61 -7.23 -18.80
C SER A 211 4.25 -6.07 -17.89
N HIS A 212 4.08 -6.33 -16.61
CA HIS A 212 3.61 -5.27 -15.73
C HIS A 212 4.51 -5.17 -14.51
N ALA A 213 4.20 -5.92 -13.45
CA ALA A 213 4.89 -5.71 -12.18
C ALA A 213 6.40 -5.78 -12.32
N ASP A 214 6.90 -6.77 -13.08
CA ASP A 214 8.34 -6.90 -13.26
C ASP A 214 8.93 -5.69 -13.95
N PRO A 215 8.55 -5.36 -15.19
CA PRO A 215 9.17 -4.17 -15.82
C PRO A 215 8.89 -2.88 -15.07
N PHE A 216 7.74 -2.78 -14.40
CA PHE A 216 7.49 -1.59 -13.57
C PHE A 216 8.51 -1.50 -12.47
N TYR A 217 8.73 -2.63 -11.79
CA TYR A 217 9.73 -2.65 -10.74
C TYR A 217 11.09 -2.31 -11.30
N GLU A 218 11.45 -2.95 -12.42
CA GLU A 218 12.75 -2.69 -13.00
C GLU A 218 12.89 -1.28 -13.55
N ALA A 219 11.77 -0.62 -13.86
CA ALA A 219 11.89 0.77 -14.30
C ALA A 219 12.32 1.67 -13.17
N ILE A 220 11.94 1.35 -11.95
CA ILE A 220 12.30 2.20 -10.82
C ILE A 220 13.82 2.15 -10.62
N PRO A 221 14.45 3.29 -10.44
CA PRO A 221 15.91 3.32 -10.29
C PRO A 221 16.35 2.41 -9.14
N ASP A 222 17.52 1.81 -9.32
CA ASP A 222 18.08 1.02 -8.24
C ASP A 222 18.51 1.87 -7.07
N SER A 223 18.58 3.19 -7.24
CA SER A 223 18.84 4.08 -6.13
C SER A 223 17.63 4.21 -5.23
N THR A 224 16.46 3.88 -5.74
CA THR A 224 15.25 3.97 -4.94
C THR A 224 15.13 2.76 -4.04
N ASP A 225 14.63 2.99 -2.84
CA ASP A 225 14.28 1.89 -1.96
C ASP A 225 13.10 1.17 -2.57
N LYS A 226 13.31 -0.05 -3.02
CA LYS A 226 12.21 -0.72 -3.67
C LYS A 226 12.31 -2.19 -3.36
N ALA A 227 11.21 -2.87 -3.59
CA ALA A 227 11.17 -4.29 -3.42
C ALA A 227 10.19 -4.83 -4.44
N PHE A 228 10.46 -6.03 -4.87
CA PHE A 228 9.62 -6.78 -5.78
C PHE A 228 9.37 -8.09 -5.08
N PHE A 229 8.13 -8.32 -4.69
CA PHE A 229 7.76 -9.57 -4.04
C PHE A 229 6.74 -10.22 -4.96
N GLU A 230 7.18 -11.22 -5.69
CA GLU A 230 6.27 -12.01 -6.48
C GLU A 230 5.75 -13.12 -5.59
N LEU A 231 4.44 -13.16 -5.42
CA LEU A 231 3.84 -14.15 -4.54
C LEU A 231 3.55 -15.38 -5.36
N ASN A 232 4.07 -16.51 -4.89
CA ASN A 232 4.00 -17.77 -5.60
C ASN A 232 2.57 -18.14 -5.97
N ASN A 233 2.35 -18.38 -7.26
CA ASN A 233 1.08 -18.86 -7.81
C ASN A 233 -0.03 -17.85 -7.67
N GLY A 234 0.33 -16.60 -7.38
CA GLY A 234 -0.67 -15.60 -7.12
C GLY A 234 -1.49 -15.31 -8.35
N SER A 235 -2.81 -15.29 -8.17
CA SER A 235 -3.66 -14.72 -9.19
C SER A 235 -3.56 -13.21 -9.12
N HIS A 236 -4.26 -12.55 -10.04
CA HIS A 236 -4.28 -11.10 -10.02
C HIS A 236 -4.74 -10.53 -8.68
N TYR A 237 -5.41 -11.33 -7.88
CA TYR A 237 -5.92 -10.88 -6.60
C TYR A 237 -4.96 -11.11 -5.46
N CYS A 238 -3.74 -11.58 -5.76
CA CYS A 238 -2.95 -12.17 -4.69
C CYS A 238 -2.51 -11.12 -3.69
N GLY A 239 -2.41 -9.86 -4.11
CA GLY A 239 -1.95 -8.86 -3.19
C GLY A 239 -3.04 -8.23 -2.39
N ASN A 240 -4.30 -8.62 -2.62
CA ASN A 240 -5.40 -7.88 -2.02
C ASN A 240 -5.60 -8.20 -0.56
N GLY A 241 -5.04 -9.31 -0.09
CA GLY A 241 -5.20 -9.68 1.30
C GLY A 241 -6.53 -10.39 1.54
N GLY A 242 -6.69 -10.81 2.78
CA GLY A 242 -7.82 -11.66 3.11
C GLY A 242 -7.77 -12.92 2.26
N ASN A 243 -6.57 -13.45 2.05
CA ASN A 243 -6.41 -14.53 1.11
C ASN A 243 -5.26 -15.41 1.58
N SER A 244 -4.71 -16.20 0.66
CA SER A 244 -3.65 -17.15 1.01
C SER A 244 -2.35 -16.46 1.31
N TYR A 245 -2.27 -15.15 1.12
CA TYR A 245 -1.00 -14.44 1.20
C TYR A 245 -0.98 -13.46 2.34
N ASN A 246 -1.93 -13.58 3.28
CA ASN A 246 -2.00 -12.63 4.39
C ASN A 246 -0.65 -12.46 5.07
N ASN A 247 0.03 -13.58 5.34
CA ASN A 247 1.31 -13.53 6.03
C ASN A 247 2.27 -12.62 5.31
N GLU A 248 2.43 -12.86 4.01
CA GLU A 248 3.39 -12.10 3.21
C GLU A 248 2.96 -10.65 3.11
N LEU A 249 1.70 -10.43 2.75
CA LEU A 249 1.19 -9.07 2.59
C LEU A 249 1.30 -8.30 3.90
N GLY A 250 0.88 -8.93 5.00
CA GLY A 250 0.97 -8.26 6.27
C GLY A 250 2.41 -8.05 6.70
N ARG A 251 3.20 -9.13 6.71
CA ARG A 251 4.57 -9.02 7.19
C ARG A 251 5.36 -8.03 6.37
N LEU A 252 5.25 -8.12 5.05
CA LEU A 252 6.07 -7.28 4.19
C LEU A 252 5.43 -5.92 3.96
N GLY A 253 4.12 -5.90 3.73
CA GLY A 253 3.47 -4.64 3.44
C GLY A 253 3.39 -3.74 4.65
N VAL A 254 3.07 -4.28 5.81
CA VAL A 254 3.07 -3.45 7.01
C VAL A 254 4.48 -3.00 7.32
N SER A 255 5.47 -3.89 7.14
CA SER A 255 6.84 -3.48 7.35
C SER A 255 7.24 -2.37 6.39
N TRP A 256 6.84 -2.50 5.13
CA TRP A 256 7.14 -1.45 4.16
C TRP A 256 6.64 -0.11 4.66
N MET A 257 5.38 -0.08 5.08
CA MET A 257 4.77 1.17 5.52
C MET A 257 5.42 1.65 6.80
N LYS A 258 5.69 0.73 7.72
CA LYS A 258 6.37 1.11 8.95
C LYS A 258 7.74 1.67 8.65
N LEU A 259 8.51 0.94 7.84
CA LEU A 259 9.88 1.36 7.56
C LEU A 259 9.89 2.70 6.84
N HIS A 260 9.04 2.84 5.83
CA HIS A 260 9.18 4.03 5.02
C HIS A 260 8.28 5.15 5.49
N LEU A 261 7.07 4.85 5.93
CA LEU A 261 6.22 5.95 6.36
C LEU A 261 6.56 6.41 7.77
N ASP A 262 6.89 5.47 8.66
CA ASP A 262 7.28 5.81 10.02
C ASP A 262 8.78 5.93 10.19
N GLN A 263 9.58 5.68 9.15
CA GLN A 263 11.03 5.61 9.30
C GLN A 263 11.37 4.69 10.47
N ASP A 264 10.60 3.61 10.60
CA ASP A 264 10.69 2.72 11.74
C ASP A 264 11.65 1.60 11.38
N GLN A 265 12.91 1.80 11.72
CA GLN A 265 13.96 0.88 11.31
C GLN A 265 13.74 -0.51 11.90
N ARG A 266 12.93 -0.62 12.95
CA ARG A 266 12.66 -1.92 13.54
C ARG A 266 11.97 -2.85 12.57
N TYR A 267 11.39 -2.32 11.49
CA TYR A 267 10.74 -3.15 10.51
C TYR A 267 11.65 -3.48 9.35
N ASN A 268 12.85 -2.90 9.33
CA ASN A 268 13.78 -3.24 8.28
C ASN A 268 14.07 -4.73 8.27
N GLN A 269 14.10 -5.37 9.44
CA GLN A 269 14.49 -6.76 9.53
C GLN A 269 13.60 -7.66 8.70
N PHE A 270 12.34 -7.26 8.50
CA PHE A 270 11.45 -8.12 7.73
C PHE A 270 11.59 -7.90 6.24
N LEU A 271 12.26 -6.84 5.85
CA LEU A 271 12.38 -6.46 4.45
C LEU A 271 13.76 -6.69 3.88
N CYS A 272 14.78 -6.55 4.72
CA CYS A 272 16.17 -6.52 4.31
C CYS A 272 16.91 -7.45 5.24
N GLY A 273 17.35 -8.58 4.71
CA GLY A 273 17.93 -9.59 5.56
C GLY A 273 17.40 -10.96 5.20
N PRO A 274 16.09 -11.15 5.31
CA PRO A 274 15.52 -12.48 5.07
C PRO A 274 15.81 -12.94 3.65
N ASP A 275 15.96 -14.24 3.51
CA ASP A 275 16.09 -14.81 2.19
C ASP A 275 14.66 -15.01 1.71
N HIS A 276 14.09 -13.95 1.14
CA HIS A 276 12.67 -13.92 0.88
C HIS A 276 12.23 -15.06 -0.02
N GLU A 277 13.03 -15.37 -1.05
CA GLU A 277 12.60 -16.40 -1.98
C GLU A 277 12.59 -17.77 -1.36
N ASP A 278 13.24 -17.92 -0.21
CA ASP A 278 13.17 -19.19 0.48
C ASP A 278 11.75 -19.47 0.94
N GLU A 279 10.94 -18.42 1.11
CA GLU A 279 9.54 -18.60 1.46
C GLU A 279 8.79 -19.27 0.33
N TYR A 280 8.03 -20.32 0.67
CA TYR A 280 7.20 -20.95 -0.33
C TYR A 280 6.32 -19.91 -1.04
N ARG A 281 5.74 -18.99 -0.27
CA ARG A 281 4.78 -18.05 -0.82
C ARG A 281 5.41 -17.00 -1.71
N ILE A 282 6.74 -16.88 -1.70
CA ILE A 282 7.41 -15.84 -2.45
C ILE A 282 8.15 -16.53 -3.58
N SER A 283 7.63 -16.43 -4.80
CA SER A 283 8.28 -17.08 -5.93
C SER A 283 9.47 -16.26 -6.40
N GLU A 284 9.44 -14.95 -6.23
CA GLU A 284 10.60 -14.16 -6.60
C GLU A 284 10.71 -12.95 -5.71
N TYR A 285 11.94 -12.61 -5.37
CA TYR A 285 12.19 -11.39 -4.64
C TYR A 285 13.28 -10.61 -5.36
N ARG A 286 13.05 -9.31 -5.49
CA ARG A 286 14.07 -8.37 -5.88
C ARG A 286 13.96 -7.19 -4.95
N GLY A 287 15.07 -6.53 -4.69
CA GLY A 287 14.98 -5.38 -3.82
C GLY A 287 16.27 -4.60 -3.89
N THR A 288 16.24 -3.43 -3.30
CA THR A 288 17.41 -2.59 -3.22
C THR A 288 17.85 -2.36 -1.79
N CYS A 289 17.68 -3.36 -0.93
CA CYS A 289 18.26 -3.27 0.39
C CYS A 289 19.75 -3.02 0.28
N PRO A 290 20.34 -2.23 1.17
CA PRO A 290 19.67 -1.56 2.29
C PRO A 290 18.88 -0.36 1.86
N TYR A 291 17.91 -0.01 2.67
CA TYR A 291 17.08 1.16 2.48
C TYR A 291 17.53 2.28 3.42
N LEU A 292 16.93 3.45 3.23
CA LEU A 292 17.13 4.63 4.07
C LEU A 292 18.61 4.96 4.24
N GLU A 293 19.43 4.63 3.25
CA GLU A 293 20.84 4.95 3.32
C GLU A 293 21.10 6.44 3.12
CA CA B . 4.64 -21.16 -8.71
CA CA C . 19.70 0.46 -1.55
#